data_5NWZ
#
_entry.id   5NWZ
#
_cell.length_a   47.398
_cell.length_b   75.958
_cell.length_c   181.052
_cell.angle_alpha   90.00
_cell.angle_beta   90.00
_cell.angle_gamma   90.00
#
_symmetry.space_group_name_H-M   'P 21 21 21'
#
loop_
_entity.id
_entity.type
_entity.pdbx_description
1 polymer 'Fibroblast growth factor receptor 4'
2 non-polymer ~{N}-[3-[2-(3,5-dimethoxyphenyl)ethyl]-1~{H}-pyrazol-5-yl]-2-(propanoylamino)benzamide
3 water water
#
_entity_poly.entity_id   1
_entity_poly.type   'polypeptide(L)'
_entity_poly.pdbx_seq_one_letter_code
;GPLVSLDLPLDPLWEFPRDRLVLGKPLGEGCFGQVVRAEAFGMDPARPDQASTVAVKMLKDNASDKDLADLVSEMEVMKL
IGRHKNIINLLGVCTQEGPLYVIVECAAKGNLREFLRARRPPGPDLSPDGPRSSEGPLSFPVLVSCAYQVARGMQYLESR
KCIHRDLAARNVLVTEDNVMKIADFGLARGVHHIDYYKKTSNGRLPVKWMAPEALFDRVYTHQSDVWSFGILLWEIFTLG
GSPYPGIPVEELFSLLREGHRMDRPPHCPPELYGLMRECWHAAPSQRPTFKQLVEALDKVLLAVSEE
;
_entity_poly.pdbx_strand_id   A,B
#
loop_
_chem_comp.id
_chem_comp.type
_chem_comp.name
_chem_comp.formula
9CT non-polymer ~{N}-[3-[2-(3,5-dimethoxyphenyl)ethyl]-1~{H}-pyrazol-5-yl]-2-(propanoylamino)benzamide 'C23 H26 N4 O4'
#
# COMPACT_ATOMS: atom_id res chain seq x y z
N LEU A 8 -9.62 -27.36 -34.96
CA LEU A 8 -9.50 -26.07 -34.28
C LEU A 8 -8.64 -25.08 -35.07
N PRO A 9 -9.05 -23.78 -35.18
CA PRO A 9 -8.24 -22.82 -35.95
C PRO A 9 -6.92 -22.44 -35.31
N LEU A 10 -5.91 -22.07 -36.12
CA LEU A 10 -4.61 -21.64 -35.62
C LEU A 10 -4.60 -20.11 -35.56
N ASP A 11 -4.41 -19.56 -34.34
CA ASP A 11 -4.33 -18.13 -34.09
C ASP A 11 -2.84 -17.77 -33.98
N PRO A 12 -2.28 -17.08 -35.00
CA PRO A 12 -0.85 -16.70 -34.96
C PRO A 12 -0.41 -15.88 -33.75
N LEU A 13 -1.33 -15.08 -33.22
CA LEU A 13 -1.14 -14.21 -32.08
C LEU A 13 -1.05 -14.96 -30.74
N TRP A 14 -1.53 -16.21 -30.67
CA TRP A 14 -1.61 -16.89 -29.39
C TRP A 14 -0.99 -18.28 -29.32
N GLU A 15 -0.87 -18.99 -30.46
CA GLU A 15 -0.34 -20.36 -30.49
C GLU A 15 1.06 -20.48 -29.91
N PHE A 16 1.21 -21.36 -28.92
CA PHE A 16 2.48 -21.63 -28.26
C PHE A 16 2.86 -23.09 -28.59
N PRO A 17 4.16 -23.42 -28.85
CA PRO A 17 4.49 -24.83 -29.17
C PRO A 17 4.47 -25.70 -27.91
N ARG A 18 3.70 -26.80 -27.96
CA ARG A 18 3.52 -27.71 -26.82
C ARG A 18 4.83 -28.38 -26.36
N ASP A 19 5.82 -28.52 -27.26
CA ASP A 19 7.13 -29.08 -26.93
C ASP A 19 8.03 -28.09 -26.14
N ARG A 20 7.50 -26.89 -25.82
CA ARG A 20 8.20 -25.87 -25.03
C ARG A 20 7.53 -25.75 -23.65
N LEU A 21 6.55 -26.63 -23.40
CA LEU A 21 5.73 -26.68 -22.18
C LEU A 21 5.88 -28.05 -21.50
N VAL A 22 6.43 -28.08 -20.27
CA VAL A 22 6.57 -29.33 -19.52
C VAL A 22 5.62 -29.27 -18.30
N LEU A 23 4.54 -30.07 -18.39
CA LEU A 23 3.48 -30.17 -17.40
C LEU A 23 3.96 -30.75 -16.07
N GLY A 24 3.45 -30.17 -15.00
CA GLY A 24 3.79 -30.56 -13.64
C GLY A 24 2.60 -30.96 -12.80
N LYS A 25 2.69 -30.68 -11.50
CA LYS A 25 1.68 -31.03 -10.49
C LYS A 25 0.39 -30.18 -10.56
N PRO A 26 -0.80 -30.77 -10.25
CA PRO A 26 -2.05 -29.97 -10.25
C PRO A 26 -1.98 -28.77 -9.30
N LEU A 27 -2.56 -27.61 -9.68
CA LEU A 27 -2.45 -26.39 -8.87
C LEU A 27 -3.38 -26.33 -7.66
N GLY A 28 -2.76 -26.52 -6.48
CA GLY A 28 -3.37 -26.55 -5.14
C GLY A 28 -4.68 -27.28 -5.01
N GLU A 29 -4.85 -28.38 -5.82
CA GLU A 29 -6.05 -29.23 -5.95
C GLU A 29 -7.21 -28.47 -6.65
N GLY A 30 -8.17 -29.24 -7.15
CA GLY A 30 -9.32 -28.78 -7.91
C GLY A 30 -10.23 -27.76 -7.25
N CYS A 31 -10.39 -26.61 -7.95
CA CYS A 31 -11.27 -25.48 -7.64
C CYS A 31 -11.44 -24.59 -8.88
N PHE A 32 -10.72 -24.95 -9.98
CA PHE A 32 -10.75 -24.28 -11.29
C PHE A 32 -10.92 -25.25 -12.49
N GLY A 33 -11.10 -26.53 -12.16
CA GLY A 33 -11.34 -27.62 -13.10
C GLY A 33 -10.21 -28.00 -14.05
N GLN A 34 -9.31 -28.90 -13.58
CA GLN A 34 -8.16 -29.45 -14.32
C GLN A 34 -7.15 -28.36 -14.74
N VAL A 35 -6.40 -27.88 -13.75
CA VAL A 35 -5.36 -26.88 -13.89
C VAL A 35 -4.09 -27.45 -13.29
N VAL A 36 -3.01 -27.45 -14.06
CA VAL A 36 -1.72 -27.94 -13.58
C VAL A 36 -0.71 -26.80 -13.65
N ARG A 37 0.34 -26.90 -12.82
CA ARG A 37 1.48 -26.01 -12.85
C ARG A 37 2.32 -26.53 -14.03
N ALA A 38 3.04 -25.66 -14.73
CA ALA A 38 3.88 -26.10 -15.82
C ALA A 38 5.08 -25.19 -15.96
N GLU A 39 6.09 -25.65 -16.69
CA GLU A 39 7.26 -24.84 -16.95
C GLU A 39 7.28 -24.58 -18.44
N ALA A 40 7.18 -23.31 -18.82
CA ALA A 40 7.17 -22.87 -20.21
C ALA A 40 8.52 -22.27 -20.56
N PHE A 41 9.05 -22.66 -21.73
CA PHE A 41 10.34 -22.20 -22.23
C PHE A 41 10.13 -21.21 -23.35
N GLY A 42 10.67 -20.02 -23.15
CA GLY A 42 10.55 -18.93 -24.10
C GLY A 42 9.21 -18.22 -24.10
N MET A 43 8.48 -18.23 -22.95
CA MET A 43 7.21 -17.53 -22.78
C MET A 43 7.43 -16.02 -22.98
N ASP A 44 8.63 -15.54 -22.60
CA ASP A 44 9.09 -14.17 -22.85
C ASP A 44 10.01 -14.26 -24.08
N PRO A 45 9.51 -13.90 -25.30
CA PRO A 45 10.34 -14.05 -26.52
C PRO A 45 11.71 -13.38 -26.53
N ALA A 46 11.98 -12.42 -25.60
CA ALA A 46 13.28 -11.74 -25.46
C ALA A 46 14.36 -12.79 -25.11
N ARG A 47 14.05 -13.66 -24.11
CA ARG A 47 14.90 -14.74 -23.64
C ARG A 47 14.20 -16.07 -23.99
N PRO A 48 14.37 -16.59 -25.24
CA PRO A 48 13.67 -17.84 -25.62
C PRO A 48 14.15 -19.10 -24.90
N ASP A 49 15.29 -19.01 -24.22
CA ASP A 49 15.93 -20.07 -23.45
C ASP A 49 15.36 -20.20 -22.04
N GLN A 50 14.96 -19.03 -21.45
CA GLN A 50 14.43 -18.86 -20.11
C GLN A 50 13.15 -19.64 -19.81
N ALA A 51 13.10 -20.25 -18.63
CA ALA A 51 11.95 -21.00 -18.15
C ALA A 51 11.12 -20.16 -17.18
N SER A 52 9.80 -20.30 -17.28
CA SER A 52 8.87 -19.61 -16.39
C SER A 52 7.78 -20.56 -15.92
N THR A 53 7.31 -20.34 -14.69
CA THR A 53 6.24 -21.14 -14.10
C THR A 53 4.93 -20.53 -14.61
N VAL A 54 4.04 -21.36 -15.16
CA VAL A 54 2.74 -20.97 -15.71
C VAL A 54 1.65 -21.95 -15.21
N ALA A 55 0.38 -21.65 -15.48
CA ALA A 55 -0.73 -22.54 -15.15
C ALA A 55 -1.31 -23.00 -16.48
N VAL A 56 -1.72 -24.28 -16.58
CA VAL A 56 -2.28 -24.85 -17.81
C VAL A 56 -3.64 -25.47 -17.50
N LYS A 57 -4.68 -24.97 -18.15
CA LYS A 57 -6.03 -25.50 -18.05
C LYS A 57 -6.25 -26.41 -19.26
N MET A 58 -6.76 -27.61 -18.99
CA MET A 58 -7.07 -28.62 -20.00
C MET A 58 -8.38 -29.32 -19.62
N LEU A 59 -8.83 -30.27 -20.45
CA LEU A 59 -10.02 -31.04 -20.18
C LEU A 59 -9.63 -32.41 -19.62
N LYS A 60 -10.55 -33.04 -18.86
CA LYS A 60 -10.36 -34.39 -18.35
C LYS A 60 -10.59 -35.36 -19.52
N ASP A 61 -10.04 -36.58 -19.45
CA ASP A 61 -10.20 -37.60 -20.51
C ASP A 61 -11.69 -37.91 -20.81
N ASN A 62 -12.52 -37.80 -19.76
CA ASN A 62 -13.97 -38.03 -19.71
C ASN A 62 -14.84 -36.81 -20.11
N ALA A 63 -14.23 -35.72 -20.60
CA ALA A 63 -14.93 -34.48 -20.97
C ALA A 63 -15.90 -34.63 -22.16
N SER A 64 -17.00 -33.84 -22.15
CA SER A 64 -18.03 -33.83 -23.19
C SER A 64 -17.76 -32.76 -24.27
N ASP A 65 -18.57 -32.74 -25.35
CA ASP A 65 -18.51 -31.77 -26.46
C ASP A 65 -18.79 -30.35 -25.96
N LYS A 66 -19.70 -30.22 -24.96
CA LYS A 66 -20.08 -28.97 -24.31
C LYS A 66 -18.91 -28.44 -23.50
N ASP A 67 -18.25 -29.31 -22.71
CA ASP A 67 -17.08 -29.00 -21.89
C ASP A 67 -15.94 -28.42 -22.72
N LEU A 68 -15.77 -28.94 -23.95
CA LEU A 68 -14.78 -28.47 -24.91
C LEU A 68 -15.17 -27.07 -25.42
N ALA A 69 -16.45 -26.89 -25.82
CA ALA A 69 -16.98 -25.62 -26.33
C ALA A 69 -16.88 -24.51 -25.29
N ASP A 70 -17.08 -24.86 -23.99
CA ASP A 70 -16.99 -23.95 -22.84
C ASP A 70 -15.57 -23.43 -22.65
N LEU A 71 -14.56 -24.33 -22.74
CA LEU A 71 -13.14 -23.98 -22.63
C LEU A 71 -12.71 -23.07 -23.81
N VAL A 72 -13.24 -23.35 -25.02
CA VAL A 72 -12.99 -22.57 -26.24
C VAL A 72 -13.54 -21.16 -26.09
N SER A 73 -14.75 -21.03 -25.50
CA SER A 73 -15.43 -19.76 -25.24
C SER A 73 -14.62 -18.93 -24.24
N GLU A 74 -14.14 -19.56 -23.14
CA GLU A 74 -13.33 -18.92 -22.10
C GLU A 74 -12.03 -18.40 -22.71
N MET A 75 -11.37 -19.23 -23.53
CA MET A 75 -10.13 -18.89 -24.26
C MET A 75 -10.36 -17.68 -25.19
N GLU A 76 -11.50 -17.67 -25.92
CA GLU A 76 -11.84 -16.59 -26.84
C GLU A 76 -12.11 -15.27 -26.12
N VAL A 77 -12.79 -15.32 -24.96
CA VAL A 77 -13.07 -14.14 -24.11
C VAL A 77 -11.74 -13.59 -23.57
N MET A 78 -10.85 -14.48 -23.05
CA MET A 78 -9.51 -14.10 -22.57
C MET A 78 -8.58 -13.51 -23.67
N LYS A 79 -8.83 -13.84 -24.95
CA LYS A 79 -8.08 -13.27 -26.08
C LYS A 79 -8.44 -11.79 -26.29
N LEU A 80 -9.74 -11.43 -26.07
CA LEU A 80 -10.32 -10.10 -26.27
C LEU A 80 -10.21 -9.15 -25.10
N ILE A 81 -10.04 -9.67 -23.89
CA ILE A 81 -10.00 -8.87 -22.67
C ILE A 81 -8.77 -7.94 -22.59
N GLY A 82 -7.65 -8.36 -23.18
CA GLY A 82 -6.41 -7.59 -23.14
C GLY A 82 -5.68 -7.90 -21.84
N ARG A 83 -4.74 -7.04 -21.44
CA ARG A 83 -4.00 -7.30 -20.22
C ARG A 83 -4.25 -6.32 -19.10
N HIS A 84 -4.13 -6.83 -17.87
CA HIS A 84 -4.19 -6.08 -16.63
C HIS A 84 -3.42 -6.85 -15.58
N LYS A 85 -2.62 -6.16 -14.79
CA LYS A 85 -1.82 -6.77 -13.73
C LYS A 85 -2.68 -7.46 -12.65
N ASN A 86 -3.92 -7.01 -12.43
CA ASN A 86 -4.75 -7.54 -11.35
C ASN A 86 -5.79 -8.57 -11.80
N ILE A 87 -5.54 -9.23 -12.93
CA ILE A 87 -6.38 -10.32 -13.44
C ILE A 87 -5.46 -11.44 -13.87
N ILE A 88 -6.00 -12.67 -13.92
CA ILE A 88 -5.28 -13.83 -14.44
C ILE A 88 -5.35 -13.64 -15.99
N ASN A 89 -4.18 -13.43 -16.61
CA ASN A 89 -4.04 -13.17 -18.05
C ASN A 89 -3.70 -14.45 -18.84
N LEU A 90 -4.24 -14.52 -20.05
CA LEU A 90 -3.96 -15.58 -21.02
C LEU A 90 -2.52 -15.37 -21.52
N LEU A 91 -1.73 -16.45 -21.59
CA LEU A 91 -0.33 -16.40 -22.03
C LEU A 91 -0.12 -17.03 -23.39
N GLY A 92 -0.95 -18.01 -23.71
CA GLY A 92 -0.87 -18.74 -24.96
C GLY A 92 -1.76 -19.95 -24.97
N VAL A 93 -1.88 -20.58 -26.14
CA VAL A 93 -2.71 -21.78 -26.35
C VAL A 93 -1.96 -22.84 -27.15
N CYS A 94 -2.34 -24.12 -26.93
CA CYS A 94 -1.85 -25.28 -27.68
C CYS A 94 -3.11 -25.92 -28.23
N THR A 95 -3.43 -25.65 -29.51
CA THR A 95 -4.66 -26.13 -30.19
C THR A 95 -4.40 -27.15 -31.32
N GLN A 96 -3.18 -27.16 -31.89
CA GLN A 96 -2.89 -28.01 -33.05
C GLN A 96 -2.07 -29.27 -32.72
N GLU A 97 -2.60 -30.44 -33.17
CA GLU A 97 -2.09 -31.80 -33.06
C GLU A 97 -1.83 -32.21 -31.61
N GLY A 98 -2.91 -32.24 -30.83
CA GLY A 98 -2.94 -32.59 -29.41
C GLY A 98 -4.16 -32.01 -28.71
N PRO A 99 -4.37 -32.30 -27.39
CA PRO A 99 -5.54 -31.72 -26.69
C PRO A 99 -5.41 -30.21 -26.48
N LEU A 100 -6.53 -29.52 -26.29
CA LEU A 100 -6.50 -28.07 -26.06
C LEU A 100 -5.87 -27.73 -24.70
N TYR A 101 -4.86 -26.83 -24.72
CA TYR A 101 -4.17 -26.32 -23.53
C TYR A 101 -4.33 -24.80 -23.48
N VAL A 102 -4.84 -24.29 -22.36
CA VAL A 102 -4.99 -22.85 -22.17
C VAL A 102 -3.96 -22.42 -21.13
N ILE A 103 -2.93 -21.69 -21.58
CA ILE A 103 -1.82 -21.27 -20.73
C ILE A 103 -2.14 -19.92 -20.13
N VAL A 104 -2.21 -19.85 -18.82
CA VAL A 104 -2.55 -18.62 -18.12
C VAL A 104 -1.51 -18.34 -17.04
N GLU A 105 -1.59 -17.18 -16.38
CA GLU A 105 -0.66 -16.83 -15.30
C GLU A 105 -0.80 -17.72 -14.08
N CYS A 106 0.32 -17.93 -13.40
CA CYS A 106 0.38 -18.71 -12.18
C CYS A 106 0.44 -17.83 -10.93
N ALA A 107 -0.47 -18.10 -9.99
CA ALA A 107 -0.54 -17.43 -8.70
C ALA A 107 -0.21 -18.49 -7.64
N ALA A 108 1.10 -18.58 -7.30
CA ALA A 108 1.72 -19.58 -6.42
C ALA A 108 1.21 -19.59 -4.96
N LYS A 109 0.84 -18.43 -4.40
CA LYS A 109 0.37 -18.32 -3.01
C LYS A 109 -1.13 -18.67 -2.80
N GLY A 110 -1.80 -19.13 -3.85
CA GLY A 110 -3.19 -19.54 -3.79
C GLY A 110 -4.19 -18.43 -3.62
N ASN A 111 -5.40 -18.79 -3.20
CA ASN A 111 -6.50 -17.85 -3.04
C ASN A 111 -6.35 -16.91 -1.84
N LEU A 112 -6.97 -15.74 -1.95
CA LEU A 112 -6.93 -14.68 -0.95
C LEU A 112 -7.50 -15.10 0.38
N ARG A 113 -8.56 -15.90 0.38
CA ARG A 113 -9.19 -16.38 1.62
C ARG A 113 -8.18 -17.13 2.50
N GLU A 114 -7.51 -18.17 1.92
CA GLU A 114 -6.49 -18.96 2.61
C GLU A 114 -5.25 -18.15 2.94
N PHE A 115 -4.93 -17.14 2.10
CA PHE A 115 -3.78 -16.28 2.29
C PHE A 115 -3.93 -15.47 3.59
N LEU A 116 -5.12 -14.92 3.82
CA LEU A 116 -5.44 -14.11 5.01
C LEU A 116 -5.65 -15.01 6.24
N ARG A 117 -6.31 -16.18 6.07
CA ARG A 117 -6.58 -17.14 7.17
C ARG A 117 -5.30 -17.69 7.77
N ALA A 118 -4.26 -17.89 6.95
CA ALA A 118 -2.96 -18.40 7.37
C ALA A 118 -2.11 -17.34 8.05
N ARG A 119 -2.40 -16.05 7.80
CA ARG A 119 -1.66 -14.92 8.38
C ARG A 119 -2.41 -14.25 9.53
N ARG A 120 -3.41 -14.95 10.08
CA ARG A 120 -4.21 -14.48 11.22
C ARG A 120 -3.37 -14.46 12.49
N PRO A 121 -3.58 -13.48 13.41
CA PRO A 121 -2.82 -13.48 14.67
C PRO A 121 -3.14 -14.73 15.52
N PRO A 122 -2.12 -15.53 15.95
CA PRO A 122 -2.40 -16.74 16.74
C PRO A 122 -3.03 -16.45 18.11
N GLY A 123 -3.81 -17.41 18.59
CA GLY A 123 -4.53 -17.30 19.86
C GLY A 123 -5.73 -16.35 19.86
N PRO A 124 -6.48 -16.31 20.98
CA PRO A 124 -7.67 -15.43 21.05
C PRO A 124 -7.38 -13.93 21.16
N ASP A 125 -8.36 -13.10 20.76
CA ASP A 125 -8.29 -11.64 20.83
C ASP A 125 -8.78 -11.19 22.20
N LEU A 126 -7.98 -10.34 22.90
CA LEU A 126 -8.29 -9.81 24.23
C LEU A 126 -8.54 -8.30 24.23
N PRO A 137 1.28 -7.84 11.24
CA PRO A 137 1.64 -8.98 10.37
C PRO A 137 0.80 -9.05 9.10
N LEU A 138 -0.26 -8.19 9.03
CA LEU A 138 -1.31 -8.02 8.02
C LEU A 138 -2.10 -6.76 8.47
N SER A 139 -1.44 -5.62 8.43
CA SER A 139 -1.94 -4.34 8.88
C SER A 139 -3.05 -3.78 7.97
N PHE A 140 -3.77 -2.72 8.42
CA PHE A 140 -4.82 -2.03 7.64
C PHE A 140 -4.32 -1.59 6.24
N PRO A 141 -3.12 -0.94 6.07
CA PRO A 141 -2.66 -0.57 4.71
C PRO A 141 -2.44 -1.76 3.79
N VAL A 142 -2.07 -2.92 4.35
CA VAL A 142 -1.85 -4.15 3.60
C VAL A 142 -3.20 -4.69 3.10
N LEU A 143 -4.20 -4.65 4.00
CA LEU A 143 -5.56 -5.09 3.72
C LEU A 143 -6.26 -4.21 2.71
N VAL A 144 -6.07 -2.87 2.80
CA VAL A 144 -6.66 -1.88 1.88
C VAL A 144 -5.99 -2.05 0.52
N SER A 145 -4.69 -2.40 0.50
CA SER A 145 -3.92 -2.68 -0.74
C SER A 145 -4.56 -3.82 -1.51
N CYS A 146 -4.85 -4.95 -0.79
CA CYS A 146 -5.52 -6.14 -1.32
C CYS A 146 -6.83 -5.74 -2.01
N ALA A 147 -7.67 -4.95 -1.31
CA ALA A 147 -8.98 -4.46 -1.74
C ALA A 147 -8.90 -3.56 -2.94
N TYR A 148 -7.98 -2.59 -2.90
CA TYR A 148 -7.71 -1.62 -3.97
C TYR A 148 -7.35 -2.34 -5.25
N GLN A 149 -6.47 -3.35 -5.15
CA GLN A 149 -6.00 -4.16 -6.26
C GLN A 149 -7.17 -4.90 -6.91
N VAL A 150 -8.08 -5.48 -6.09
CA VAL A 150 -9.26 -6.20 -6.60
C VAL A 150 -10.22 -5.23 -7.32
N ALA A 151 -10.42 -4.03 -6.73
CA ALA A 151 -11.29 -2.99 -7.29
C ALA A 151 -10.79 -2.54 -8.67
N ARG A 152 -9.45 -2.46 -8.84
CA ARG A 152 -8.78 -2.05 -10.09
C ARG A 152 -8.92 -3.11 -11.17
N GLY A 153 -8.83 -4.38 -10.76
CA GLY A 153 -8.98 -5.50 -11.66
C GLY A 153 -10.41 -5.58 -12.16
N MET A 154 -11.38 -5.37 -11.24
CA MET A 154 -12.81 -5.33 -11.50
C MET A 154 -13.21 -4.14 -12.39
N GLN A 155 -12.65 -2.95 -12.13
CA GLN A 155 -12.88 -1.74 -12.93
C GLN A 155 -12.38 -1.99 -14.37
N TYR A 156 -11.30 -2.75 -14.52
CA TYR A 156 -10.74 -3.10 -15.82
C TYR A 156 -11.68 -4.04 -16.55
N LEU A 157 -12.07 -5.16 -15.90
CA LEU A 157 -12.95 -6.18 -16.50
C LEU A 157 -14.28 -5.59 -16.91
N GLU A 158 -14.84 -4.66 -16.09
CA GLU A 158 -16.08 -3.94 -16.36
C GLU A 158 -15.94 -3.14 -17.66
N SER A 159 -14.80 -2.47 -17.88
CA SER A 159 -14.51 -1.69 -19.11
C SER A 159 -14.37 -2.58 -20.35
N ARG A 160 -14.11 -3.88 -20.16
CA ARG A 160 -13.98 -4.85 -21.23
C ARG A 160 -15.26 -5.69 -21.37
N LYS A 161 -16.40 -5.14 -20.91
CA LYS A 161 -17.76 -5.72 -20.98
C LYS A 161 -17.85 -7.11 -20.35
N CYS A 162 -17.16 -7.28 -19.25
CA CYS A 162 -17.06 -8.52 -18.55
C CYS A 162 -17.67 -8.41 -17.11
N ILE A 163 -18.61 -9.30 -16.79
CA ILE A 163 -19.27 -9.41 -15.49
C ILE A 163 -18.75 -10.71 -14.87
N HIS A 164 -18.18 -10.64 -13.64
CA HIS A 164 -17.66 -11.81 -12.95
C HIS A 164 -18.69 -12.93 -12.67
N ARG A 165 -19.68 -12.68 -11.78
CA ARG A 165 -20.77 -13.59 -11.33
C ARG A 165 -20.46 -14.36 -10.02
N ASP A 166 -19.19 -14.39 -9.59
CA ASP A 166 -18.79 -15.05 -8.35
C ASP A 166 -17.58 -14.36 -7.70
N LEU A 167 -17.64 -13.04 -7.51
CA LEU A 167 -16.55 -12.30 -6.90
C LEU A 167 -16.49 -12.56 -5.39
N ALA A 168 -15.57 -13.43 -5.00
CA ALA A 168 -15.33 -13.85 -3.62
C ALA A 168 -13.83 -13.92 -3.42
N ALA A 169 -13.35 -13.88 -2.15
CA ALA A 169 -11.91 -13.98 -1.83
C ALA A 169 -11.29 -15.28 -2.37
N ARG A 170 -12.09 -16.37 -2.46
CA ARG A 170 -11.65 -17.67 -3.02
C ARG A 170 -11.30 -17.58 -4.53
N ASN A 171 -11.84 -16.57 -5.26
CA ASN A 171 -11.60 -16.34 -6.68
C ASN A 171 -10.56 -15.26 -6.96
N VAL A 172 -9.91 -14.77 -5.91
CA VAL A 172 -8.81 -13.82 -6.02
C VAL A 172 -7.61 -14.63 -5.66
N LEU A 173 -6.64 -14.65 -6.56
CA LEU A 173 -5.41 -15.43 -6.44
C LEU A 173 -4.25 -14.50 -6.13
N VAL A 174 -3.26 -15.02 -5.39
CA VAL A 174 -2.08 -14.26 -4.92
C VAL A 174 -0.81 -14.84 -5.54
N THR A 175 -0.01 -13.99 -6.20
CA THR A 175 1.24 -14.41 -6.83
C THR A 175 2.37 -14.46 -5.81
N GLU A 176 3.57 -14.92 -6.24
CA GLU A 176 4.78 -14.97 -5.41
C GLU A 176 5.20 -13.54 -4.96
N ASP A 177 4.88 -12.51 -5.78
CA ASP A 177 5.13 -11.10 -5.50
C ASP A 177 4.01 -10.42 -4.72
N ASN A 178 3.05 -11.21 -4.19
CA ASN A 178 1.90 -10.76 -3.41
C ASN A 178 0.95 -9.80 -4.18
N VAL A 179 0.84 -10.02 -5.51
CA VAL A 179 -0.07 -9.29 -6.38
C VAL A 179 -1.42 -10.07 -6.42
N MET A 180 -2.55 -9.35 -6.29
CA MET A 180 -3.92 -9.87 -6.34
C MET A 180 -4.31 -10.03 -7.78
N LYS A 181 -4.88 -11.19 -8.12
CA LYS A 181 -5.32 -11.49 -9.48
C LYS A 181 -6.68 -12.12 -9.49
N ILE A 182 -7.62 -11.45 -10.14
CA ILE A 182 -8.97 -11.96 -10.28
C ILE A 182 -8.99 -13.13 -11.28
N ALA A 183 -9.53 -14.25 -10.81
CA ALA A 183 -9.68 -15.48 -11.57
C ALA A 183 -11.15 -15.76 -11.79
N ASP A 184 -11.47 -16.54 -12.86
CA ASP A 184 -12.79 -17.04 -13.24
C ASP A 184 -13.84 -15.98 -13.57
N PHE A 185 -13.45 -15.03 -14.40
CA PHE A 185 -14.34 -13.99 -14.88
C PHE A 185 -14.95 -14.48 -16.21
N GLY A 186 -16.15 -14.00 -16.51
CA GLY A 186 -16.90 -14.37 -17.72
C GLY A 186 -18.02 -13.41 -18.07
N LEU A 205 -25.28 -22.54 -5.69
CA LEU A 205 -24.94 -21.15 -5.96
C LEU A 205 -24.21 -20.47 -4.77
N PRO A 206 -23.26 -19.51 -5.05
CA PRO A 206 -22.55 -18.80 -3.95
C PRO A 206 -23.42 -17.66 -3.41
N VAL A 207 -24.55 -18.07 -2.83
CA VAL A 207 -25.66 -17.29 -2.36
C VAL A 207 -25.28 -16.15 -1.40
N LYS A 208 -24.27 -16.33 -0.55
CA LYS A 208 -23.88 -15.30 0.44
C LYS A 208 -23.14 -14.10 -0.15
N TRP A 209 -22.68 -14.19 -1.40
CA TRP A 209 -21.97 -13.13 -2.15
C TRP A 209 -22.87 -12.47 -3.18
N MET A 210 -24.05 -13.04 -3.39
CA MET A 210 -24.95 -12.59 -4.44
C MET A 210 -25.85 -11.45 -4.06
N ALA A 211 -25.99 -10.46 -4.98
CA ALA A 211 -26.90 -9.30 -4.80
C ALA A 211 -28.34 -9.81 -4.78
N PRO A 212 -29.27 -9.14 -4.05
CA PRO A 212 -30.66 -9.62 -3.99
C PRO A 212 -31.33 -9.85 -5.36
N GLU A 213 -31.14 -8.89 -6.29
CA GLU A 213 -31.72 -8.94 -7.63
C GLU A 213 -31.22 -10.13 -8.46
N ALA A 214 -30.08 -10.71 -8.09
CA ALA A 214 -29.52 -11.88 -8.76
C ALA A 214 -29.95 -13.16 -8.05
N LEU A 215 -30.32 -13.08 -6.74
CA LEU A 215 -30.74 -14.23 -5.93
C LEU A 215 -31.86 -14.98 -6.57
N PHE A 216 -33.02 -14.35 -6.78
CA PHE A 216 -34.03 -15.11 -7.48
C PHE A 216 -34.63 -14.38 -8.65
N ASP A 217 -34.21 -13.12 -8.96
CA ASP A 217 -34.66 -12.55 -10.24
C ASP A 217 -33.66 -13.02 -11.37
N ARG A 218 -32.53 -13.67 -10.95
CA ARG A 218 -31.44 -14.22 -11.76
C ARG A 218 -30.85 -13.22 -12.78
N VAL A 219 -30.45 -12.02 -12.31
CA VAL A 219 -29.87 -10.97 -13.18
C VAL A 219 -28.36 -11.26 -13.53
N TYR A 220 -27.43 -10.42 -13.05
CA TYR A 220 -25.96 -10.35 -13.15
C TYR A 220 -25.53 -9.12 -13.96
N THR A 221 -25.19 -8.03 -13.23
CA THR A 221 -24.77 -6.74 -13.80
C THR A 221 -23.47 -6.30 -13.15
N HIS A 222 -23.04 -5.06 -13.43
CA HIS A 222 -21.89 -4.45 -12.80
C HIS A 222 -22.24 -4.06 -11.37
N GLN A 223 -23.51 -3.75 -11.11
CA GLN A 223 -24.04 -3.40 -9.79
C GLN A 223 -24.11 -4.62 -8.87
N SER A 224 -24.39 -5.80 -9.44
CA SER A 224 -24.43 -7.06 -8.68
C SER A 224 -22.97 -7.48 -8.29
N ASP A 225 -21.96 -7.07 -9.11
CA ASP A 225 -20.52 -7.31 -8.85
C ASP A 225 -20.04 -6.45 -7.69
N VAL A 226 -20.57 -5.21 -7.60
CA VAL A 226 -20.30 -4.26 -6.53
C VAL A 226 -20.83 -4.81 -5.22
N TRP A 227 -22.04 -5.42 -5.22
CA TRP A 227 -22.58 -6.04 -4.01
C TRP A 227 -21.56 -7.06 -3.49
N SER A 228 -21.09 -7.99 -4.37
CA SER A 228 -20.10 -9.05 -4.06
C SER A 228 -18.79 -8.45 -3.58
N PHE A 229 -18.36 -7.32 -4.19
CA PHE A 229 -17.17 -6.59 -3.78
C PHE A 229 -17.26 -6.16 -2.29
N GLY A 230 -18.46 -5.74 -1.85
CA GLY A 230 -18.75 -5.39 -0.47
C GLY A 230 -18.55 -6.57 0.47
N ILE A 231 -19.01 -7.78 0.09
CA ILE A 231 -18.86 -9.03 0.87
C ILE A 231 -17.37 -9.38 0.91
N LEU A 232 -16.64 -9.19 -0.25
CA LEU A 232 -15.22 -9.42 -0.38
C LEU A 232 -14.44 -8.50 0.58
N LEU A 233 -14.83 -7.20 0.73
CA LEU A 233 -14.23 -6.25 1.69
C LEU A 233 -14.37 -6.80 3.11
N TRP A 234 -15.55 -7.32 3.46
CA TRP A 234 -15.83 -7.92 4.76
C TRP A 234 -14.94 -9.17 5.02
N GLU A 235 -14.72 -10.02 4.00
CA GLU A 235 -13.85 -11.19 4.10
C GLU A 235 -12.38 -10.76 4.34
N ILE A 236 -11.99 -9.63 3.70
CA ILE A 236 -10.64 -9.12 3.85
C ILE A 236 -10.39 -8.64 5.27
N PHE A 237 -11.34 -7.84 5.82
CA PHE A 237 -11.15 -7.26 7.14
C PHE A 237 -11.42 -8.25 8.29
N THR A 238 -11.98 -9.46 8.01
CA THR A 238 -12.20 -10.53 9.00
C THR A 238 -11.08 -11.57 8.87
N LEU A 239 -10.17 -11.34 7.91
CA LEU A 239 -9.02 -12.19 7.54
C LEU A 239 -9.44 -13.60 7.10
N GLY A 240 -10.33 -13.62 6.11
CA GLY A 240 -10.90 -14.83 5.54
C GLY A 240 -12.06 -15.41 6.33
N GLY A 241 -12.87 -14.55 6.94
CA GLY A 241 -14.04 -14.95 7.70
C GLY A 241 -15.21 -15.29 6.78
N SER A 242 -16.04 -16.25 7.18
CA SER A 242 -17.20 -16.66 6.39
C SER A 242 -18.35 -15.67 6.59
N PRO A 243 -18.89 -15.08 5.50
CA PRO A 243 -19.97 -14.06 5.66
C PRO A 243 -21.25 -14.64 6.26
N TYR A 244 -22.03 -13.78 6.96
CA TYR A 244 -23.27 -14.13 7.66
C TYR A 244 -22.99 -15.38 8.53
N PRO A 245 -22.00 -15.27 9.46
CA PRO A 245 -21.61 -16.45 10.26
C PRO A 245 -22.77 -17.00 11.09
N GLY A 246 -23.00 -18.30 10.93
CA GLY A 246 -24.07 -19.02 11.63
C GLY A 246 -25.40 -19.07 10.92
N ILE A 247 -25.77 -17.97 10.20
CA ILE A 247 -27.03 -17.82 9.45
C ILE A 247 -27.14 -18.87 8.33
N PRO A 248 -28.17 -19.77 8.38
CA PRO A 248 -28.33 -20.74 7.28
C PRO A 248 -28.76 -20.04 6.00
N VAL A 249 -28.24 -20.52 4.87
CA VAL A 249 -28.46 -20.02 3.51
C VAL A 249 -29.96 -19.67 3.25
N GLU A 250 -30.91 -20.45 3.80
CA GLU A 250 -32.35 -20.22 3.65
C GLU A 250 -32.88 -18.99 4.43
N GLU A 251 -32.25 -18.65 5.58
CA GLU A 251 -32.60 -17.53 6.47
C GLU A 251 -32.06 -16.18 5.96
N LEU A 252 -31.13 -16.22 4.98
CA LEU A 252 -30.45 -15.06 4.42
C LEU A 252 -31.35 -14.09 3.68
N PHE A 253 -32.21 -14.62 2.80
CA PHE A 253 -33.11 -13.86 1.95
C PHE A 253 -34.06 -12.97 2.75
N SER A 254 -34.56 -13.52 3.85
CA SER A 254 -35.45 -12.86 4.82
C SER A 254 -34.69 -11.75 5.57
N LEU A 255 -33.45 -12.04 6.02
CA LEU A 255 -32.51 -11.14 6.71
C LEU A 255 -32.34 -9.87 5.88
N LEU A 256 -32.02 -10.04 4.58
CA LEU A 256 -31.79 -8.96 3.62
C LEU A 256 -33.06 -8.18 3.28
N ARG A 257 -34.20 -8.90 3.21
CA ARG A 257 -35.52 -8.30 2.97
C ARG A 257 -35.99 -7.40 4.12
N GLU A 258 -35.58 -7.74 5.36
CA GLU A 258 -35.83 -6.94 6.55
C GLU A 258 -34.87 -5.67 6.63
N GLY A 259 -33.92 -5.56 5.70
CA GLY A 259 -32.98 -4.44 5.64
C GLY A 259 -31.71 -4.66 6.43
N HIS A 260 -31.53 -5.86 7.01
CA HIS A 260 -30.34 -6.19 7.77
C HIS A 260 -29.14 -6.54 6.90
N ARG A 261 -27.95 -6.16 7.37
CA ARG A 261 -26.65 -6.40 6.74
C ARG A 261 -25.67 -6.87 7.79
N MET A 262 -24.50 -7.34 7.38
CA MET A 262 -23.46 -7.76 8.32
C MET A 262 -22.95 -6.56 9.11
N ASP A 263 -22.66 -6.81 10.38
CA ASP A 263 -22.14 -5.81 11.30
C ASP A 263 -20.69 -5.55 10.99
N ARG A 264 -20.18 -4.38 11.46
CA ARG A 264 -18.79 -3.99 11.29
C ARG A 264 -17.88 -5.08 11.87
N PRO A 265 -16.92 -5.63 11.08
CA PRO A 265 -15.98 -6.62 11.62
C PRO A 265 -15.20 -6.03 12.81
N PRO A 266 -14.79 -6.88 13.79
CA PRO A 266 -14.05 -6.37 14.97
C PRO A 266 -12.88 -5.44 14.69
N HIS A 267 -12.06 -5.74 13.67
CA HIS A 267 -10.92 -4.90 13.35
C HIS A 267 -11.02 -4.37 11.92
N CYS A 268 -11.82 -3.31 11.78
CA CYS A 268 -12.11 -2.72 10.49
C CYS A 268 -12.11 -1.21 10.57
N PRO A 269 -11.39 -0.49 9.69
CA PRO A 269 -11.51 0.98 9.67
C PRO A 269 -12.96 1.41 9.38
N PRO A 270 -13.53 2.44 10.07
CA PRO A 270 -14.92 2.86 9.80
C PRO A 270 -15.25 3.24 8.35
N GLU A 271 -14.27 3.82 7.61
CA GLU A 271 -14.41 4.24 6.20
C GLU A 271 -14.67 3.00 5.32
N LEU A 272 -14.08 1.86 5.68
CA LEU A 272 -14.24 0.64 4.94
C LEU A 272 -15.58 -0.01 5.20
N TYR A 273 -16.14 0.14 6.40
CA TYR A 273 -17.45 -0.39 6.70
C TYR A 273 -18.49 0.47 5.98
N GLY A 274 -18.21 1.78 5.91
CA GLY A 274 -19.06 2.72 5.18
C GLY A 274 -19.15 2.33 3.72
N LEU A 275 -18.02 1.87 3.14
CA LEU A 275 -17.96 1.42 1.74
C LEU A 275 -18.75 0.13 1.52
N MET A 276 -18.63 -0.83 2.45
CA MET A 276 -19.34 -2.12 2.46
C MET A 276 -20.85 -1.87 2.43
N ARG A 277 -21.31 -0.92 3.26
CA ARG A 277 -22.71 -0.51 3.40
C ARG A 277 -23.26 0.13 2.14
N GLU A 278 -22.45 0.89 1.41
CA GLU A 278 -22.84 1.50 0.13
C GLU A 278 -23.00 0.39 -0.93
N CYS A 279 -22.11 -0.63 -0.94
CA CYS A 279 -22.14 -1.78 -1.83
C CYS A 279 -23.40 -2.61 -1.59
N TRP A 280 -23.92 -2.57 -0.35
CA TRP A 280 -25.08 -3.36 0.07
C TRP A 280 -26.43 -2.59 0.02
N HIS A 281 -26.53 -1.49 -0.77
CA HIS A 281 -27.83 -0.83 -0.92
C HIS A 281 -28.76 -1.78 -1.67
N ALA A 282 -30.05 -1.80 -1.29
CA ALA A 282 -31.07 -2.65 -1.92
C ALA A 282 -31.24 -2.25 -3.38
N ALA A 283 -31.32 -0.93 -3.64
CA ALA A 283 -31.41 -0.38 -5.00
C ALA A 283 -30.05 -0.44 -5.72
N PRO A 284 -29.93 -1.26 -6.80
CA PRO A 284 -28.64 -1.33 -7.53
C PRO A 284 -28.05 0.00 -8.02
N SER A 285 -28.89 0.99 -8.38
CA SER A 285 -28.49 2.32 -8.85
C SER A 285 -27.89 3.20 -7.73
N GLN A 286 -28.13 2.82 -6.49
CA GLN A 286 -27.66 3.55 -5.31
C GLN A 286 -26.24 3.11 -4.86
N ARG A 287 -25.75 1.95 -5.37
CA ARG A 287 -24.44 1.37 -5.07
C ARG A 287 -23.34 2.15 -5.80
N PRO A 288 -22.11 2.24 -5.24
CA PRO A 288 -21.03 2.93 -5.98
C PRO A 288 -20.59 2.13 -7.21
N THR A 289 -19.90 2.80 -8.11
CA THR A 289 -19.34 2.15 -9.30
C THR A 289 -17.92 1.66 -8.95
N PHE A 290 -17.32 0.76 -9.75
CA PHE A 290 -15.93 0.36 -9.47
C PHE A 290 -14.94 1.56 -9.58
N LYS A 291 -15.25 2.57 -10.42
CA LYS A 291 -14.46 3.80 -10.57
C LYS A 291 -14.44 4.59 -9.24
N GLN A 292 -15.61 4.72 -8.57
CA GLN A 292 -15.76 5.43 -7.29
C GLN A 292 -15.07 4.68 -6.17
N LEU A 293 -15.19 3.34 -6.21
CA LEU A 293 -14.57 2.42 -5.26
C LEU A 293 -13.04 2.52 -5.34
N VAL A 294 -12.49 2.56 -6.55
CA VAL A 294 -11.06 2.75 -6.75
C VAL A 294 -10.60 4.11 -6.12
N GLU A 295 -11.35 5.20 -6.39
CA GLU A 295 -11.09 6.54 -5.85
C GLU A 295 -11.06 6.51 -4.33
N ALA A 296 -12.13 5.97 -3.70
CA ALA A 296 -12.29 5.87 -2.25
C ALA A 296 -11.25 4.97 -1.61
N LEU A 297 -10.93 3.82 -2.23
CA LEU A 297 -9.93 2.87 -1.73
C LEU A 297 -8.53 3.50 -1.75
N ASP A 298 -8.25 4.32 -2.77
CA ASP A 298 -6.99 5.03 -2.90
C ASP A 298 -6.74 6.03 -1.74
N LYS A 299 -7.78 6.83 -1.38
CA LYS A 299 -7.73 7.82 -0.31
C LYS A 299 -7.43 7.13 1.02
N VAL A 300 -8.07 5.99 1.29
CA VAL A 300 -7.85 5.21 2.50
C VAL A 300 -6.42 4.65 2.50
N LEU A 301 -5.95 4.15 1.36
CA LEU A 301 -4.60 3.58 1.20
C LEU A 301 -3.50 4.62 1.57
N LEU A 302 -3.69 5.86 1.19
CA LEU A 302 -2.78 6.93 1.49
C LEU A 302 -2.82 7.36 2.94
N ALA A 303 -4.03 7.51 3.48
CA ALA A 303 -4.33 8.03 4.80
C ALA A 303 -4.33 7.05 5.97
N VAL A 304 -4.90 5.84 5.80
CA VAL A 304 -5.12 4.86 6.87
C VAL A 304 -3.88 4.60 7.76
N SER A 305 -4.14 4.51 9.05
CA SER A 305 -3.16 4.23 10.07
C SER A 305 -3.35 2.77 10.52
N GLU A 306 -2.58 2.31 11.52
CA GLU A 306 -2.70 0.98 12.14
C GLU A 306 -2.34 -0.18 11.19
N LEU B 8 -1.98 39.51 13.66
CA LEU B 8 -2.17 38.21 13.03
C LEU B 8 -3.66 37.81 12.94
N PRO B 9 -4.12 37.23 11.80
CA PRO B 9 -5.54 36.85 11.70
C PRO B 9 -5.93 35.66 12.57
N LEU B 10 -7.21 35.57 12.96
CA LEU B 10 -7.71 34.47 13.77
C LEU B 10 -8.33 33.42 12.83
N ASP B 11 -7.80 32.19 12.88
CA ASP B 11 -8.30 31.04 12.12
C ASP B 11 -9.19 30.21 13.06
N PRO B 12 -10.54 30.26 12.88
CA PRO B 12 -11.46 29.51 13.77
C PRO B 12 -11.21 28.00 13.83
N LEU B 13 -10.69 27.44 12.74
CA LEU B 13 -10.39 26.01 12.58
C LEU B 13 -9.15 25.57 13.38
N TRP B 14 -8.28 26.51 13.79
CA TRP B 14 -7.02 26.10 14.39
C TRP B 14 -6.66 26.75 15.71
N GLU B 15 -7.22 27.95 16.01
CA GLU B 15 -6.91 28.69 17.24
C GLU B 15 -7.21 27.90 18.50
N PHE B 16 -6.20 27.74 19.34
CA PHE B 16 -6.29 27.03 20.61
C PHE B 16 -6.09 28.05 21.74
N PRO B 17 -6.83 27.97 22.88
CA PRO B 17 -6.64 28.97 23.94
C PRO B 17 -5.34 28.72 24.71
N ARG B 18 -4.49 29.78 24.79
CA ARG B 18 -3.16 29.67 25.43
C ARG B 18 -3.22 29.31 26.90
N ASP B 19 -4.34 29.63 27.59
CA ASP B 19 -4.56 29.29 29.00
C ASP B 19 -4.89 27.78 29.22
N ARG B 20 -4.91 26.99 28.12
CA ARG B 20 -5.16 25.53 28.18
C ARG B 20 -3.87 24.77 27.85
N LEU B 21 -2.78 25.54 27.68
CA LEU B 21 -1.45 25.07 27.33
C LEU B 21 -0.43 25.45 28.42
N VAL B 22 0.18 24.46 29.09
CA VAL B 22 1.17 24.76 30.13
C VAL B 22 2.56 24.30 29.61
N LEU B 23 3.39 25.29 29.27
CA LEU B 23 4.73 25.09 28.71
C LEU B 23 5.70 24.44 29.69
N GLY B 24 6.51 23.56 29.16
CA GLY B 24 7.49 22.81 29.93
C GLY B 24 8.90 22.96 29.42
N LYS B 25 9.69 21.89 29.57
CA LYS B 25 11.11 21.83 29.22
C LYS B 25 11.39 21.80 27.71
N PRO B 26 12.49 22.45 27.23
CA PRO B 26 12.83 22.41 25.79
C PRO B 26 13.00 20.99 25.28
N LEU B 27 12.54 20.77 24.06
CA LEU B 27 12.55 19.49 23.40
C LEU B 27 13.72 19.42 22.40
N GLY B 28 14.71 18.58 22.73
CA GLY B 28 15.91 18.34 21.93
C GLY B 28 16.55 19.56 21.31
N GLU B 29 17.38 20.27 22.10
CA GLU B 29 18.10 21.52 21.82
C GLU B 29 18.23 21.94 20.34
N GLY B 30 17.57 23.06 20.04
CA GLY B 30 17.50 23.82 18.78
C GLY B 30 17.79 23.21 17.42
N CYS B 31 17.51 21.90 17.21
CA CYS B 31 17.72 21.28 15.89
C CYS B 31 16.48 21.44 14.97
N PHE B 32 15.41 22.08 15.51
CA PHE B 32 14.16 22.47 14.85
C PHE B 32 13.79 23.86 15.37
N GLY B 33 14.69 24.47 16.16
CA GLY B 33 14.51 25.79 16.72
C GLY B 33 14.00 25.76 18.14
N GLN B 34 13.36 26.85 18.59
CA GLN B 34 12.81 26.91 19.94
C GLN B 34 11.53 26.07 20.04
N VAL B 35 11.72 24.78 20.41
CA VAL B 35 10.63 23.82 20.58
C VAL B 35 10.63 23.37 22.04
N VAL B 36 9.49 23.48 22.71
CA VAL B 36 9.35 23.03 24.09
C VAL B 36 8.28 21.95 24.17
N ARG B 37 8.36 21.11 25.21
CA ARG B 37 7.36 20.11 25.52
C ARG B 37 6.27 20.92 26.24
N ALA B 38 5.01 20.52 26.13
CA ALA B 38 3.95 21.22 26.83
C ALA B 38 2.81 20.27 27.16
N GLU B 39 1.93 20.70 28.05
CA GLU B 39 0.75 19.93 28.38
C GLU B 39 -0.43 20.71 27.87
N ALA B 40 -1.24 20.11 27.01
CA ALA B 40 -2.43 20.75 26.45
C ALA B 40 -3.69 20.09 27.00
N PHE B 41 -4.64 20.91 27.43
CA PHE B 41 -5.91 20.47 28.00
C PHE B 41 -7.03 20.67 27.00
N GLY B 42 -7.71 19.59 26.69
CA GLY B 42 -8.81 19.57 25.73
C GLY B 42 -8.39 19.61 24.29
N MET B 43 -7.17 19.07 23.98
CA MET B 43 -6.64 18.95 22.62
C MET B 43 -7.58 18.08 21.77
N ASP B 44 -8.23 17.09 22.42
CA ASP B 44 -9.26 16.24 21.84
C ASP B 44 -10.61 16.82 22.35
N PRO B 45 -11.35 17.61 21.53
CA PRO B 45 -12.58 18.24 22.01
C PRO B 45 -13.67 17.33 22.61
N ALA B 46 -13.60 16.00 22.37
CA ALA B 46 -14.53 15.02 22.95
C ALA B 46 -14.40 15.03 24.48
N ARG B 47 -13.13 14.99 24.98
CA ARG B 47 -12.77 15.03 26.39
C ARG B 47 -12.02 16.35 26.66
N PRO B 48 -12.76 17.48 26.89
CA PRO B 48 -12.08 18.78 27.10
C PRO B 48 -11.27 18.89 28.39
N ASP B 49 -11.45 17.92 29.31
CA ASP B 49 -10.77 17.83 30.58
C ASP B 49 -9.41 17.17 30.49
N GLN B 50 -9.27 16.21 29.56
CA GLN B 50 -8.10 15.38 29.28
C GLN B 50 -6.84 16.16 28.89
N ALA B 51 -5.70 15.76 29.45
CA ALA B 51 -4.39 16.36 29.19
C ALA B 51 -3.58 15.50 28.22
N SER B 52 -2.83 16.15 27.34
CA SER B 52 -1.95 15.47 26.40
C SER B 52 -0.61 16.19 26.31
N THR B 53 0.46 15.42 26.07
CA THR B 53 1.81 15.95 25.88
C THR B 53 1.92 16.34 24.42
N VAL B 54 2.33 17.58 24.16
CA VAL B 54 2.48 18.16 22.80
C VAL B 54 3.82 18.87 22.70
N ALA B 55 4.17 19.32 21.47
CA ALA B 55 5.39 20.12 21.22
C ALA B 55 4.93 21.49 20.80
N VAL B 56 5.61 22.54 21.24
CA VAL B 56 5.25 23.92 20.93
C VAL B 56 6.46 24.62 20.33
N LYS B 57 6.32 25.10 19.09
CA LYS B 57 7.35 25.85 18.40
C LYS B 57 6.98 27.31 18.54
N MET B 58 7.97 28.11 18.93
CA MET B 58 7.84 29.56 19.12
C MET B 58 9.11 30.23 18.60
N LEU B 59 9.14 31.56 18.63
CA LEU B 59 10.30 32.34 18.25
C LEU B 59 10.97 32.87 19.52
N LYS B 60 12.28 33.16 19.42
CA LYS B 60 13.03 33.79 20.52
C LYS B 60 12.64 35.28 20.53
N ASP B 61 12.78 35.97 21.69
CA ASP B 61 12.45 37.41 21.81
C ASP B 61 13.23 38.27 20.78
N ASN B 62 14.44 37.83 20.44
CA ASN B 62 15.42 38.41 19.50
C ASN B 62 15.23 38.00 18.00
N ALA B 63 14.13 37.30 17.67
CA ALA B 63 13.85 36.83 16.30
C ALA B 63 13.59 37.97 15.31
N SER B 64 13.92 37.75 14.02
CA SER B 64 13.74 38.73 12.94
C SER B 64 12.36 38.63 12.27
N ASP B 65 12.04 39.59 11.37
CA ASP B 65 10.78 39.64 10.61
C ASP B 65 10.67 38.43 9.67
N LYS B 66 11.82 37.98 9.13
CA LYS B 66 11.95 36.82 8.24
C LYS B 66 11.67 35.55 9.02
N ASP B 67 12.24 35.40 10.23
CA ASP B 67 12.05 34.26 11.15
C ASP B 67 10.57 34.06 11.47
N LEU B 68 9.83 35.17 11.64
CA LEU B 68 8.40 35.17 11.90
C LEU B 68 7.64 34.71 10.65
N ALA B 69 7.97 35.27 9.47
CA ALA B 69 7.34 34.93 8.20
C ALA B 69 7.53 33.46 7.83
N ASP B 70 8.71 32.89 8.17
CA ASP B 70 9.09 31.49 7.95
C ASP B 70 8.20 30.56 8.77
N LEU B 71 7.99 30.88 10.07
CA LEU B 71 7.14 30.11 10.98
C LEU B 71 5.67 30.15 10.52
N VAL B 72 5.21 31.32 10.02
CA VAL B 72 3.87 31.54 9.50
C VAL B 72 3.64 30.67 8.24
N SER B 73 4.65 30.59 7.36
CA SER B 73 4.63 29.80 6.12
C SER B 73 4.51 28.31 6.44
N GLU B 74 5.32 27.83 7.40
CA GLU B 74 5.34 26.45 7.86
C GLU B 74 3.96 26.07 8.44
N MET B 75 3.41 26.96 9.29
CA MET B 75 2.09 26.82 9.90
C MET B 75 0.99 26.70 8.81
N GLU B 76 1.07 27.57 7.78
CA GLU B 76 0.09 27.58 6.68
C GLU B 76 0.13 26.31 5.84
N VAL B 77 1.33 25.77 5.57
CA VAL B 77 1.52 24.52 4.83
C VAL B 77 0.93 23.34 5.65
N MET B 78 1.26 23.29 6.96
CA MET B 78 0.74 22.27 7.88
C MET B 78 -0.80 22.33 8.06
N LYS B 79 -1.43 23.50 7.81
CA LYS B 79 -2.90 23.64 7.84
C LYS B 79 -3.56 22.89 6.65
N LEU B 80 -2.89 22.91 5.48
CA LEU B 80 -3.38 22.34 4.21
C LEU B 80 -3.08 20.87 3.98
N ILE B 81 -2.08 20.34 4.65
CA ILE B 81 -1.61 18.97 4.42
C ILE B 81 -2.60 17.89 4.93
N GLY B 82 -3.36 18.20 5.98
CA GLY B 82 -4.28 17.23 6.56
C GLY B 82 -3.54 16.33 7.54
N ARG B 83 -4.09 15.15 7.87
CA ARG B 83 -3.45 14.27 8.84
C ARG B 83 -2.94 12.95 8.30
N HIS B 84 -1.85 12.48 8.90
CA HIS B 84 -1.26 11.18 8.65
C HIS B 84 -0.47 10.78 9.90
N LYS B 85 -0.57 9.54 10.31
CA LYS B 85 0.14 9.03 11.49
C LYS B 85 1.66 9.10 11.37
N ASN B 86 2.20 9.05 10.15
CA ASN B 86 3.65 9.01 9.94
C ASN B 86 4.27 10.36 9.58
N ILE B 87 3.60 11.46 9.94
CA ILE B 87 4.11 12.82 9.79
C ILE B 87 3.88 13.55 11.09
N ILE B 88 4.65 14.64 11.34
CA ILE B 88 4.45 15.52 12.49
C ILE B 88 3.24 16.37 12.08
N ASN B 89 2.11 16.23 12.80
CA ASN B 89 0.87 16.92 12.51
C ASN B 89 0.71 18.18 13.35
N LEU B 90 0.11 19.22 12.76
CA LEU B 90 -0.27 20.46 13.40
C LEU B 90 -1.48 20.14 14.28
N LEU B 91 -1.46 20.64 15.52
CA LEU B 91 -2.53 20.39 16.50
C LEU B 91 -3.35 21.65 16.77
N GLY B 92 -2.71 22.80 16.65
CA GLY B 92 -3.36 24.07 16.91
C GLY B 92 -2.37 25.20 16.97
N VAL B 93 -2.89 26.44 17.06
CA VAL B 93 -2.07 27.65 17.10
C VAL B 93 -2.57 28.63 18.15
N CYS B 94 -1.65 29.45 18.70
CA CYS B 94 -1.95 30.56 19.62
C CYS B 94 -1.38 31.78 18.94
N THR B 95 -2.24 32.58 18.28
CA THR B 95 -1.85 33.77 17.50
C THR B 95 -2.33 35.09 18.12
N GLN B 96 -3.30 35.01 19.07
CA GLN B 96 -3.96 36.16 19.71
C GLN B 96 -3.42 36.55 21.06
N GLU B 97 -3.17 37.89 21.22
CA GLU B 97 -2.72 38.58 22.45
C GLU B 97 -1.61 37.81 23.18
N GLY B 98 -0.50 37.63 22.45
CA GLY B 98 0.69 36.92 22.89
C GLY B 98 1.55 36.50 21.73
N PRO B 99 2.73 35.87 21.98
CA PRO B 99 3.59 35.43 20.86
C PRO B 99 3.00 34.26 20.07
N LEU B 100 3.42 34.07 18.81
CA LEU B 100 2.93 32.97 18.00
C LEU B 100 3.41 31.62 18.55
N TYR B 101 2.47 30.68 18.79
CA TYR B 101 2.74 29.30 19.24
C TYR B 101 2.20 28.34 18.21
N VAL B 102 3.06 27.46 17.71
CA VAL B 102 2.64 26.43 16.75
C VAL B 102 2.66 25.09 17.51
N ILE B 103 1.47 24.53 17.77
CA ILE B 103 1.34 23.30 18.54
C ILE B 103 1.35 22.13 17.58
N VAL B 104 2.31 21.24 17.76
CA VAL B 104 2.47 20.09 16.87
C VAL B 104 2.63 18.84 17.71
N GLU B 105 2.69 17.67 17.07
CA GLU B 105 2.86 16.41 17.80
C GLU B 105 4.24 16.29 18.43
N CYS B 106 4.31 15.56 19.54
CA CYS B 106 5.51 15.33 20.31
C CYS B 106 6.15 13.95 19.98
N ALA B 107 7.42 13.94 19.56
CA ALA B 107 8.18 12.70 19.32
C ALA B 107 9.33 12.66 20.36
N ALA B 108 9.03 12.03 21.52
CA ALA B 108 9.89 11.94 22.71
C ALA B 108 11.25 11.24 22.53
N LYS B 109 11.34 10.22 21.65
CA LYS B 109 12.58 9.47 21.41
C LYS B 109 13.56 10.13 20.41
N GLY B 110 13.27 11.35 19.97
CA GLY B 110 14.14 12.10 19.07
C GLY B 110 14.25 11.55 17.66
N ASN B 111 15.30 11.97 16.92
CA ASN B 111 15.51 11.60 15.53
C ASN B 111 15.93 10.15 15.33
N LEU B 112 15.59 9.61 14.16
CA LEU B 112 15.86 8.24 13.75
C LEU B 112 17.35 7.91 13.71
N ARG B 113 18.19 8.86 13.25
CA ARG B 113 19.65 8.66 13.17
C ARG B 113 20.23 8.28 14.54
N GLU B 114 19.95 9.10 15.59
CA GLU B 114 20.39 8.87 16.96
C GLU B 114 19.71 7.66 17.60
N PHE B 115 18.46 7.39 17.21
CA PHE B 115 17.67 6.26 17.71
C PHE B 115 18.36 4.94 17.34
N LEU B 116 18.84 4.83 16.08
CA LEU B 116 19.52 3.62 15.58
C LEU B 116 20.95 3.52 16.11
N ARG B 117 21.67 4.67 16.17
CA ARG B 117 23.06 4.74 16.65
C ARG B 117 23.19 4.30 18.12
N ALA B 118 22.18 4.62 18.94
CA ALA B 118 22.12 4.26 20.36
C ALA B 118 21.75 2.80 20.58
N ARG B 119 21.09 2.17 19.59
CA ARG B 119 20.67 0.76 19.67
C ARG B 119 21.58 -0.19 18.87
N ARG B 120 22.79 0.29 18.56
CA ARG B 120 23.81 -0.49 17.85
C ARG B 120 24.36 -1.60 18.74
N PRO B 121 24.68 -2.81 18.19
CA PRO B 121 25.23 -3.87 19.04
C PRO B 121 26.60 -3.47 19.63
N PRO B 122 26.78 -3.54 20.99
CA PRO B 122 28.08 -3.15 21.57
C PRO B 122 29.23 -4.08 21.19
N PRO B 137 19.47 -4.34 21.32
CA PRO B 137 18.13 -4.35 20.70
C PRO B 137 18.19 -4.05 19.20
N LEU B 138 17.01 -3.80 18.57
CA LEU B 138 16.84 -3.41 17.16
C LEU B 138 17.09 -4.58 16.19
N SER B 139 16.01 -5.22 15.70
CA SER B 139 16.07 -6.36 14.78
C SER B 139 15.72 -6.00 13.34
N PHE B 140 16.03 -6.88 12.39
CA PHE B 140 15.72 -6.68 10.98
C PHE B 140 14.21 -6.31 10.72
N PRO B 141 13.18 -7.02 11.27
CA PRO B 141 11.78 -6.61 11.03
C PRO B 141 11.42 -5.21 11.56
N VAL B 142 12.14 -4.79 12.62
CA VAL B 142 11.99 -3.47 13.24
C VAL B 142 12.53 -2.43 12.27
N LEU B 143 13.67 -2.74 11.61
CA LEU B 143 14.31 -1.87 10.64
C LEU B 143 13.49 -1.67 9.38
N VAL B 144 12.85 -2.76 8.88
CA VAL B 144 11.99 -2.74 7.69
C VAL B 144 10.74 -1.94 8.02
N SER B 145 10.25 -2.08 9.27
CA SER B 145 9.08 -1.36 9.78
C SER B 145 9.33 0.15 9.73
N CYS B 146 10.52 0.61 10.23
CA CYS B 146 10.98 2.00 10.23
C CYS B 146 10.90 2.57 8.81
N ALA B 147 11.47 1.83 7.83
CA ALA B 147 11.55 2.17 6.42
C ALA B 147 10.20 2.29 5.79
N TYR B 148 9.34 1.27 6.02
CA TYR B 148 7.97 1.16 5.53
C TYR B 148 7.14 2.35 5.97
N GLN B 149 7.25 2.71 7.25
CA GLN B 149 6.56 3.83 7.87
C GLN B 149 6.95 5.16 7.23
N VAL B 150 8.26 5.36 6.95
CA VAL B 150 8.75 6.59 6.30
C VAL B 150 8.23 6.68 4.86
N ALA B 151 8.23 5.54 4.14
CA ALA B 151 7.74 5.43 2.77
C ALA B 151 6.26 5.81 2.71
N ARG B 152 5.46 5.32 3.70
CA ARG B 152 4.03 5.60 3.81
C ARG B 152 3.73 7.08 4.09
N GLY B 153 4.55 7.73 4.97
CA GLY B 153 4.46 9.15 5.28
C GLY B 153 4.78 10.00 4.07
N MET B 154 5.83 9.60 3.32
CA MET B 154 6.29 10.23 2.06
C MET B 154 5.25 10.07 0.93
N GLN B 155 4.64 8.87 0.81
CA GLN B 155 3.59 8.60 -0.18
C GLN B 155 2.37 9.51 0.09
N TYR B 156 2.10 9.78 1.39
CA TYR B 156 1.03 10.67 1.80
C TYR B 156 1.34 12.11 1.41
N LEU B 157 2.54 12.61 1.82
CA LEU B 157 2.97 13.99 1.56
C LEU B 157 3.00 14.29 0.06
N GLU B 158 3.43 13.32 -0.74
CA GLU B 158 3.48 13.40 -2.20
C GLU B 158 2.05 13.61 -2.76
N SER B 159 1.04 12.89 -2.20
CA SER B 159 -0.38 13.04 -2.59
C SER B 159 -0.97 14.41 -2.20
N ARG B 160 -0.33 15.12 -1.26
CA ARG B 160 -0.75 16.45 -0.82
C ARG B 160 0.11 17.54 -1.46
N LYS B 161 0.75 17.22 -2.62
CA LYS B 161 1.59 18.13 -3.42
C LYS B 161 2.74 18.75 -2.62
N CYS B 162 3.33 17.92 -1.76
CA CYS B 162 4.39 18.32 -0.88
C CYS B 162 5.71 17.56 -1.15
N ILE B 163 6.77 18.33 -1.40
CA ILE B 163 8.13 17.83 -1.67
C ILE B 163 8.97 18.20 -0.45
N HIS B 164 9.55 17.18 0.22
CA HIS B 164 10.38 17.39 1.42
C HIS B 164 11.60 18.36 1.23
N ARG B 165 12.62 17.96 0.42
CA ARG B 165 13.89 18.67 0.12
C ARG B 165 15.07 18.27 1.03
N ASP B 166 14.81 17.61 2.18
CA ASP B 166 15.89 17.14 3.05
C ASP B 166 15.51 15.82 3.77
N LEU B 167 15.09 14.81 2.99
CA LEU B 167 14.70 13.53 3.57
C LEU B 167 15.94 12.74 4.01
N ALA B 168 16.22 12.81 5.31
CA ALA B 168 17.34 12.13 5.97
C ALA B 168 16.81 11.54 7.29
N ALA B 169 17.53 10.55 7.86
CA ALA B 169 17.15 9.94 9.14
C ALA B 169 17.05 11.00 10.27
N ARG B 170 17.86 12.07 10.20
CA ARG B 170 17.86 13.16 11.18
C ARG B 170 16.50 13.94 11.18
N ASN B 171 15.74 13.88 10.05
CA ASN B 171 14.44 14.55 9.92
C ASN B 171 13.24 13.64 10.14
N VAL B 172 13.50 12.42 10.57
CA VAL B 172 12.46 11.46 10.93
C VAL B 172 12.54 11.38 12.44
N LEU B 173 11.42 11.62 13.09
CA LEU B 173 11.29 11.64 14.55
C LEU B 173 10.58 10.41 15.03
N VAL B 174 10.92 9.95 16.25
CA VAL B 174 10.40 8.72 16.85
C VAL B 174 9.60 9.05 18.12
N THR B 175 8.36 8.57 18.20
CA THR B 175 7.50 8.78 19.36
C THR B 175 7.81 7.77 20.46
N GLU B 176 7.14 7.89 21.62
CA GLU B 176 7.25 6.96 22.76
C GLU B 176 6.79 5.55 22.35
N ASP B 177 5.84 5.46 21.40
CA ASP B 177 5.30 4.20 20.87
C ASP B 177 6.10 3.67 19.67
N ASN B 178 7.29 4.24 19.42
CA ASN B 178 8.21 3.88 18.34
C ASN B 178 7.59 4.05 16.93
N VAL B 179 6.72 5.08 16.78
CA VAL B 179 6.09 5.46 15.51
C VAL B 179 7.02 6.51 14.84
N MET B 180 7.31 6.32 13.54
CA MET B 180 8.15 7.20 12.72
C MET B 180 7.29 8.35 12.25
N LYS B 181 7.82 9.58 12.37
CA LYS B 181 7.13 10.78 11.95
C LYS B 181 8.06 11.69 11.19
N ILE B 182 7.69 11.98 9.95
CA ILE B 182 8.44 12.88 9.10
C ILE B 182 8.24 14.33 9.58
N ALA B 183 9.38 15.00 9.85
CA ALA B 183 9.46 16.37 10.30
C ALA B 183 10.11 17.23 9.23
N ASP B 184 9.86 18.55 9.29
CA ASP B 184 10.44 19.62 8.45
C ASP B 184 10.20 19.48 6.95
N PHE B 185 9.00 19.03 6.57
CA PHE B 185 8.55 18.85 5.19
C PHE B 185 8.01 20.16 4.59
N GLY B 186 7.56 21.06 5.45
CA GLY B 186 7.00 22.35 5.08
C GLY B 186 7.63 23.51 5.83
N ARG B 204 25.96 25.05 4.87
CA ARG B 204 26.28 23.92 4.01
C ARG B 204 25.06 23.03 3.72
N LEU B 205 24.97 22.54 2.46
CA LEU B 205 23.87 21.69 1.97
C LEU B 205 24.01 20.19 2.34
N PRO B 206 22.89 19.43 2.49
CA PRO B 206 23.00 17.98 2.78
C PRO B 206 23.22 17.18 1.49
N VAL B 207 24.34 17.49 0.85
CA VAL B 207 24.88 17.02 -0.42
C VAL B 207 24.83 15.49 -0.59
N LYS B 208 25.08 14.71 0.47
CA LYS B 208 25.10 13.24 0.43
C LYS B 208 23.70 12.58 0.24
N TRP B 209 22.62 13.34 0.48
CA TRP B 209 21.21 12.91 0.35
C TRP B 209 20.53 13.41 -0.92
N MET B 210 21.17 14.37 -1.62
CA MET B 210 20.62 15.04 -2.79
C MET B 210 20.74 14.26 -4.10
N ALA B 211 19.64 14.28 -4.90
CA ALA B 211 19.58 13.64 -6.22
C ALA B 211 20.47 14.47 -7.17
N PRO B 212 21.14 13.84 -8.17
CA PRO B 212 22.04 14.62 -9.04
C PRO B 212 21.40 15.87 -9.63
N GLU B 213 20.17 15.75 -10.16
CA GLU B 213 19.43 16.86 -10.77
C GLU B 213 19.12 18.01 -9.77
N ALA B 214 19.19 17.73 -8.45
CA ALA B 214 18.98 18.69 -7.35
C ALA B 214 20.30 19.35 -6.91
N LEU B 215 21.42 18.57 -6.89
CA LEU B 215 22.78 18.97 -6.53
C LEU B 215 23.30 20.06 -7.43
N PHE B 216 23.33 19.75 -8.74
CA PHE B 216 23.91 20.54 -9.82
C PHE B 216 22.97 21.61 -10.40
N ASP B 217 21.69 21.26 -10.65
CA ASP B 217 20.64 22.04 -11.31
C ASP B 217 19.65 22.72 -10.33
N ARG B 218 19.78 22.38 -9.03
CA ARG B 218 18.99 22.89 -7.90
C ARG B 218 17.44 22.78 -8.13
N VAL B 219 16.98 21.64 -8.71
CA VAL B 219 15.57 21.35 -8.99
C VAL B 219 15.04 20.22 -8.06
N TYR B 220 13.91 20.47 -7.36
CA TYR B 220 13.34 19.50 -6.42
C TYR B 220 12.02 18.90 -6.92
N THR B 221 11.81 17.59 -6.67
CA THR B 221 10.67 16.83 -7.17
C THR B 221 10.36 15.59 -6.32
N HIS B 222 9.39 14.77 -6.74
CA HIS B 222 9.05 13.54 -6.03
C HIS B 222 10.11 12.49 -6.30
N GLN B 223 10.74 12.56 -7.49
CA GLN B 223 11.81 11.65 -7.90
C GLN B 223 13.11 11.96 -7.15
N SER B 224 13.37 13.25 -6.81
CA SER B 224 14.52 13.66 -6.03
C SER B 224 14.36 13.20 -4.55
N ASP B 225 13.09 13.08 -4.07
CA ASP B 225 12.73 12.59 -2.72
C ASP B 225 12.99 11.09 -2.62
N VAL B 226 12.74 10.35 -3.71
CA VAL B 226 12.98 8.91 -3.84
C VAL B 226 14.48 8.65 -3.77
N TRP B 227 15.31 9.50 -4.44
CA TRP B 227 16.76 9.35 -4.35
C TRP B 227 17.16 9.40 -2.85
N SER B 228 16.72 10.45 -2.10
CA SER B 228 16.97 10.66 -0.67
C SER B 228 16.45 9.50 0.18
N PHE B 229 15.28 8.95 -0.21
CA PHE B 229 14.71 7.76 0.46
C PHE B 229 15.70 6.56 0.38
N GLY B 230 16.36 6.40 -0.76
CA GLY B 230 17.38 5.36 -0.96
C GLY B 230 18.54 5.55 0.01
N ILE B 231 18.93 6.84 0.24
CA ILE B 231 20.01 7.19 1.16
C ILE B 231 19.56 6.82 2.56
N LEU B 232 18.31 7.20 2.91
CA LEU B 232 17.66 6.93 4.18
C LEU B 232 17.59 5.42 4.49
N LEU B 233 17.30 4.56 3.46
CA LEU B 233 17.34 3.09 3.58
C LEU B 233 18.73 2.61 4.01
N TRP B 234 19.77 3.16 3.35
CA TRP B 234 21.16 2.84 3.67
C TRP B 234 21.53 3.23 5.12
N GLU B 235 21.04 4.38 5.61
CA GLU B 235 21.27 4.85 6.98
C GLU B 235 20.59 3.91 7.97
N ILE B 236 19.40 3.40 7.60
CA ILE B 236 18.65 2.47 8.46
C ILE B 236 19.40 1.14 8.63
N PHE B 237 19.91 0.58 7.51
CA PHE B 237 20.58 -0.70 7.49
C PHE B 237 22.08 -0.64 7.86
N THR B 238 22.60 0.55 8.21
CA THR B 238 23.94 0.75 8.76
C THR B 238 23.82 1.20 10.23
N LEU B 239 22.57 1.35 10.71
CA LEU B 239 22.17 1.80 12.05
C LEU B 239 22.69 3.21 12.36
N GLY B 240 22.39 4.13 11.46
CA GLY B 240 22.78 5.53 11.56
C GLY B 240 24.18 5.83 11.03
N GLY B 241 24.59 5.09 10.02
CA GLY B 241 25.89 5.27 9.39
C GLY B 241 25.90 6.46 8.47
N SER B 242 27.07 7.13 8.37
CA SER B 242 27.24 8.30 7.52
C SER B 242 27.42 7.86 6.06
N PRO B 243 26.57 8.35 5.12
CA PRO B 243 26.69 7.91 3.72
C PRO B 243 28.01 8.32 3.05
N TYR B 244 28.46 7.53 2.05
CA TYR B 244 29.73 7.70 1.31
C TYR B 244 30.86 7.86 2.32
N PRO B 245 31.03 6.85 3.21
CA PRO B 245 32.05 6.96 4.27
C PRO B 245 33.47 7.14 3.71
N GLY B 246 34.15 8.19 4.19
CA GLY B 246 35.50 8.55 3.77
C GLY B 246 35.59 9.50 2.59
N ILE B 247 34.68 9.35 1.60
CA ILE B 247 34.61 10.16 0.38
C ILE B 247 34.38 11.65 0.68
N PRO B 248 35.32 12.54 0.27
CA PRO B 248 35.09 13.98 0.51
C PRO B 248 33.98 14.50 -0.39
N VAL B 249 33.15 15.41 0.15
CA VAL B 249 32.00 16.03 -0.50
C VAL B 249 32.29 16.45 -1.97
N GLU B 250 33.51 16.94 -2.26
CA GLU B 250 33.93 17.34 -3.62
C GLU B 250 34.11 16.17 -4.62
N GLU B 251 34.52 14.99 -4.11
CA GLU B 251 34.77 13.75 -4.87
C GLU B 251 33.45 13.00 -5.23
N LEU B 252 32.34 13.34 -4.53
CA LEU B 252 31.00 12.75 -4.67
C LEU B 252 30.38 12.92 -6.06
N PHE B 253 30.42 14.14 -6.58
CA PHE B 253 29.87 14.54 -7.86
C PHE B 253 30.45 13.78 -9.04
N SER B 254 31.77 13.47 -8.98
CA SER B 254 32.44 12.69 -10.01
C SER B 254 32.01 11.25 -9.92
N LEU B 255 31.99 10.67 -8.69
CA LEU B 255 31.54 9.29 -8.43
C LEU B 255 30.17 9.03 -9.06
N LEU B 256 29.18 9.91 -8.80
CA LEU B 256 27.81 9.81 -9.32
C LEU B 256 27.75 9.92 -10.83
N ARG B 257 28.53 10.84 -11.43
CA ARG B 257 28.60 10.99 -12.90
C ARG B 257 29.24 9.77 -13.52
N GLU B 258 30.21 9.15 -12.81
CA GLU B 258 30.94 7.93 -13.20
C GLU B 258 30.12 6.67 -12.88
N GLY B 259 28.88 6.86 -12.44
CA GLY B 259 27.90 5.82 -12.13
C GLY B 259 28.13 5.03 -10.86
N HIS B 260 29.02 5.50 -9.97
CA HIS B 260 29.31 4.82 -8.70
C HIS B 260 28.24 5.14 -7.65
N ARG B 261 27.88 4.11 -6.85
CA ARG B 261 26.91 4.21 -5.77
C ARG B 261 27.47 3.53 -4.54
N MET B 262 26.83 3.73 -3.38
CA MET B 262 27.27 3.09 -2.15
C MET B 262 27.13 1.58 -2.25
N ASP B 263 28.08 0.89 -1.63
CA ASP B 263 28.11 -0.56 -1.58
C ASP B 263 27.07 -1.05 -0.59
N ARG B 264 26.69 -2.34 -0.73
CA ARG B 264 25.74 -2.97 0.16
C ARG B 264 26.23 -2.90 1.62
N PRO B 265 25.41 -2.38 2.55
CA PRO B 265 25.83 -2.37 3.96
C PRO B 265 26.03 -3.81 4.48
N PRO B 266 26.91 -4.05 5.50
CA PRO B 266 27.04 -5.43 6.03
C PRO B 266 25.69 -5.94 6.53
N HIS B 267 25.43 -7.22 6.29
CA HIS B 267 24.17 -7.93 6.52
C HIS B 267 23.18 -7.50 5.44
N CYS B 268 22.29 -6.51 5.70
CA CYS B 268 21.29 -5.96 4.77
C CYS B 268 20.92 -6.90 3.61
N PRO B 269 19.76 -7.58 3.66
CA PRO B 269 19.36 -8.49 2.57
C PRO B 269 19.51 -7.94 1.15
N PRO B 270 19.85 -8.80 0.15
CA PRO B 270 20.06 -8.28 -1.21
C PRO B 270 18.85 -7.58 -1.81
N GLU B 271 17.64 -7.96 -1.39
CA GLU B 271 16.39 -7.38 -1.86
C GLU B 271 16.25 -5.88 -1.45
N LEU B 272 16.79 -5.52 -0.27
CA LEU B 272 16.74 -4.14 0.21
C LEU B 272 17.76 -3.26 -0.46
N TYR B 273 18.92 -3.83 -0.80
CA TYR B 273 19.98 -3.13 -1.52
C TYR B 273 19.52 -2.89 -2.95
N GLY B 274 18.77 -3.84 -3.48
CA GLY B 274 18.14 -3.76 -4.80
C GLY B 274 17.23 -2.54 -4.88
N LEU B 275 16.48 -2.26 -3.78
CA LEU B 275 15.61 -1.09 -3.69
C LEU B 275 16.38 0.23 -3.67
N MET B 276 17.48 0.27 -2.89
CA MET B 276 18.38 1.43 -2.77
C MET B 276 18.92 1.79 -4.15
N ARG B 277 19.34 0.76 -4.93
CA ARG B 277 19.89 0.88 -6.27
C ARG B 277 18.89 1.41 -7.28
N GLU B 278 17.62 1.04 -7.14
CA GLU B 278 16.54 1.56 -8.01
C GLU B 278 16.31 3.05 -7.71
N CYS B 279 16.38 3.46 -6.41
CA CYS B 279 16.24 4.86 -5.95
C CYS B 279 17.37 5.72 -6.51
N TRP B 280 18.54 5.08 -6.76
CA TRP B 280 19.73 5.76 -7.22
C TRP B 280 19.95 5.71 -8.75
N HIS B 281 18.90 5.50 -9.56
CA HIS B 281 19.06 5.57 -11.00
C HIS B 281 19.34 7.01 -11.39
N ALA B 282 20.22 7.22 -12.38
CA ALA B 282 20.60 8.56 -12.85
C ALA B 282 19.38 9.26 -13.43
N ALA B 283 18.60 8.54 -14.24
CA ALA B 283 17.37 9.05 -14.87
C ALA B 283 16.23 9.08 -13.83
N PRO B 284 15.72 10.29 -13.46
CA PRO B 284 14.61 10.37 -12.47
C PRO B 284 13.36 9.53 -12.77
N SER B 285 13.03 9.33 -14.09
CA SER B 285 11.87 8.55 -14.55
C SER B 285 12.04 7.06 -14.34
N GLN B 286 13.28 6.63 -14.14
CA GLN B 286 13.63 5.21 -13.96
C GLN B 286 13.55 4.75 -12.49
N ARG B 287 13.47 5.72 -11.54
CA ARG B 287 13.38 5.48 -10.10
C ARG B 287 11.96 5.00 -9.72
N PRO B 288 11.81 4.16 -8.67
CA PRO B 288 10.45 3.76 -8.27
C PRO B 288 9.69 4.93 -7.65
N THR B 289 8.38 4.77 -7.58
CA THR B 289 7.51 5.77 -6.96
C THR B 289 7.38 5.42 -5.48
N PHE B 290 6.90 6.34 -4.63
CA PHE B 290 6.68 5.98 -3.22
C PHE B 290 5.61 4.86 -3.06
N LYS B 291 4.65 4.76 -4.00
CA LYS B 291 3.63 3.71 -4.06
C LYS B 291 4.27 2.32 -4.24
N GLN B 292 5.26 2.22 -5.17
CA GLN B 292 5.99 0.98 -5.47
C GLN B 292 6.87 0.58 -4.29
N LEU B 293 7.50 1.60 -3.67
CA LEU B 293 8.37 1.45 -2.50
C LEU B 293 7.59 0.89 -1.30
N VAL B 294 6.38 1.41 -1.08
CA VAL B 294 5.49 0.91 -0.04
C VAL B 294 5.16 -0.60 -0.31
N GLU B 295 4.81 -0.94 -1.58
CA GLU B 295 4.50 -2.32 -2.00
C GLU B 295 5.68 -3.25 -1.73
N ALA B 296 6.90 -2.88 -2.18
CA ALA B 296 8.12 -3.65 -2.01
C ALA B 296 8.54 -3.80 -0.54
N LEU B 297 8.41 -2.71 0.25
CA LEU B 297 8.75 -2.71 1.69
C LEU B 297 7.79 -3.63 2.46
N ASP B 298 6.51 -3.67 2.03
CA ASP B 298 5.49 -4.53 2.62
C ASP B 298 5.80 -6.02 2.45
N LYS B 299 6.24 -6.45 1.24
CA LYS B 299 6.60 -7.83 0.91
C LYS B 299 7.75 -8.29 1.79
N VAL B 300 8.77 -7.43 2.00
CA VAL B 300 9.90 -7.73 2.88
C VAL B 300 9.41 -7.85 4.34
N LEU B 301 8.53 -6.94 4.77
CA LEU B 301 7.96 -6.93 6.12
C LEU B 301 7.12 -8.24 6.40
N LEU B 302 6.38 -8.79 5.39
CA LEU B 302 5.55 -10.02 5.53
C LEU B 302 6.32 -11.37 5.31
N ALA B 303 7.43 -11.36 4.55
CA ALA B 303 8.28 -12.53 4.30
C ALA B 303 9.04 -12.97 5.57
N VAL B 304 9.08 -12.12 6.64
CA VAL B 304 9.73 -12.43 7.91
C VAL B 304 8.82 -13.32 8.80
N SER B 305 7.48 -13.19 8.61
CA SER B 305 6.44 -13.92 9.35
C SER B 305 6.12 -15.31 8.78
N GLU B 306 6.92 -15.76 7.79
CA GLU B 306 6.80 -17.07 7.14
C GLU B 306 7.46 -18.17 7.99
C1 9CT C . -8.92 -23.57 -4.71
C2 9CT C . -8.13 -22.31 -5.12
C3 9CT C . -6.71 -22.29 -4.63
C11 9CT C . -3.82 -23.10 -4.00
C12 9CT C . -3.89 -21.82 -7.68
C15 9CT C . -3.39 -20.76 -9.82
C18 9CT C . -4.36 -20.34 -11.80
C19 9CT C . -5.24 -20.27 -13.04
C20 9CT C . -6.75 -20.49 -12.80
C21 9CT C . -7.49 -19.99 -14.04
C22 9CT C . -7.48 -20.77 -15.23
C23 9CT C . -8.11 -20.31 -16.40
C25 9CT C . -8.96 -20.94 -18.68
C26 9CT C . -8.76 -19.05 -16.37
C27 9CT C . -8.80 -18.26 -15.21
C29 9CT C . -10.43 -16.59 -16.18
C30 9CT C . -8.14 -18.74 -14.05
O4 9CT C . -6.48 -21.90 -3.50
N5 9CT C . -5.74 -22.70 -5.49
C6 9CT C . -4.33 -22.69 -5.25
C7 9CT C . -3.43 -22.23 -6.26
C8 9CT C . -2.04 -22.23 -5.97
C9 9CT C . -1.55 -22.65 -4.73
C10 9CT C . -2.44 -23.09 -3.74
O13 9CT C . -5.01 -22.18 -8.02
N14 9CT C . -3.07 -21.17 -8.56
N16 9CT C . -2.65 -19.99 -10.53
N17 9CT C . -3.21 -19.72 -11.73
O24 9CT C . -8.07 -21.09 -17.56
O28 9CT C . -9.45 -17.02 -15.19
C31 9CT C . -4.56 -21.06 -10.67
C1 9CT D . 17.79 17.21 16.51
C2 9CT D . 16.48 16.39 16.42
C3 9CT D . 16.14 15.58 17.65
C11 9CT D . 15.86 14.82 20.63
C12 9CT D . 12.52 16.29 19.37
C15 9CT D . 10.17 16.54 18.84
C18 9CT D . 8.92 17.94 17.61
C19 9CT D . 8.38 19.01 16.72
C20 9CT D . 9.33 19.40 15.56
C21 9CT D . 8.54 20.14 14.45
C22 9CT D . 8.02 21.44 14.68
C23 9CT D . 7.31 22.12 13.66
C25 9CT D . 6.30 24.37 13.04
C26 9CT D . 7.10 21.46 12.43
C27 9CT D . 7.63 20.18 12.17
C29 9CT D . 6.84 20.14 9.77
C30 9CT D . 8.38 19.55 13.19
O4 9CT D . 16.52 14.43 17.70
N5 9CT D . 15.41 16.19 18.63
C6 9CT D . 14.95 15.52 19.82
C7 9CT D . 13.58 15.52 20.17
C8 9CT D . 13.15 14.84 21.34
C9 9CT D . 14.06 14.13 22.12
C10 9CT D . 15.43 14.13 21.78
O13 9CT D . 12.91 17.28 18.73
N14 9CT D . 11.21 15.93 19.45
N16 9CT D . 8.95 16.21 18.98
N17 9CT D . 8.19 17.03 18.21
O24 9CT D . 6.75 23.38 13.97
O28 9CT D . 7.46 19.53 10.93
C31 9CT D . 10.18 17.74 17.96
#